data_3LL7
#
_entry.id   3LL7
#
_cell.length_a   53.132
_cell.length_b   78.485
_cell.length_c   64.063
_cell.angle_alpha   90.00
_cell.angle_beta   104.65
_cell.angle_gamma   90.00
#
_symmetry.space_group_name_H-M   'P 1 21 1'
#
loop_
_entity.id
_entity.type
_entity.pdbx_description
1 polymer 'Putative methyltransferase'
2 non-polymer 1,2-ETHANEDIOL
3 non-polymer 'FORMIC ACID'
4 water water
#
_entity_poly.entity_id   1
_entity_poly.type   'polypeptide(L)'
_entity_poly.pdbx_seq_one_letter_code
;SNA(MSE)LFDEKEILAITRWAKLYANQSPDRILLGSNDIPPEYRAAVATQIELWPRLRNKLPQWAGISSLYIPSRLSLE
QSSGAVTSSYKSRFIREGTKVVDLTGGLGIDFIAL(MSE)SKASQGIYIERNDETAVAARHNIPLLLNEGKDVNILTGDF
KEYLPLIKTFHPDYIYVDPARRSGADKRVYAIADCEPDLIPLATELLPFCSSILAKLSP(MSE)IDLWDTLQSLLHVQEL
HVVAAHGEVKELLVR(MSE)SLNEATIPPEKVPIHAINLLLEDTVIPFIFT(MSE)EEERSISIPYTDSIDKYVYEPHTA
LLKAGAFKTVAYRLGLRKLHPNSHLYTSEAYESAFPGRTFVLEEIIPFSTSVLKQLRKVVPQASISCRNFPLSPIELRQR
SK(MSE)ADGGEKTL(MSE)GTT(MSE)ADGKKVLLLLRKAE
;
_entity_poly.pdbx_strand_id   A
#
# COMPACT_ATOMS: atom_id res chain seq x y z
N LEU A 5 17.62 18.43 19.47
CA LEU A 5 17.55 18.73 18.02
C LEU A 5 18.92 19.14 17.51
N PHE A 6 19.22 18.75 16.28
CA PHE A 6 20.57 18.87 15.74
C PHE A 6 20.63 19.78 14.54
N ASP A 7 21.73 20.50 14.38
CA ASP A 7 21.91 21.30 13.17
C ASP A 7 22.66 20.47 12.15
N GLU A 8 22.89 21.05 10.98
CA GLU A 8 23.57 20.29 9.91
C GLU A 8 24.92 19.72 10.35
N LYS A 9 25.74 20.55 11.00
CA LYS A 9 27.06 20.10 11.44
C LYS A 9 26.97 18.87 12.37
N GLU A 10 26.01 18.89 13.29
CA GLU A 10 25.82 17.80 14.24
C GLU A 10 25.29 16.55 13.56
N ILE A 11 24.38 16.73 12.58
CA ILE A 11 23.87 15.57 11.82
C ILE A 11 24.99 14.92 11.04
N LEU A 12 25.82 15.72 10.40
CA LEU A 12 26.98 15.14 9.73
C LEU A 12 27.87 14.35 10.69
N ALA A 13 28.14 14.88 11.89
CA ALA A 13 28.96 14.17 12.86
C ALA A 13 28.27 12.88 13.30
N ILE A 14 26.97 12.98 13.60
CA ILE A 14 26.26 11.79 14.08
C ILE A 14 26.29 10.65 13.06
N THR A 15 26.09 10.98 11.78
CA THR A 15 26.13 9.95 10.75
C THR A 15 27.56 9.42 10.52
N ARG A 16 28.56 10.29 10.60
CA ARG A 16 29.97 9.82 10.54
C ARG A 16 30.25 8.85 11.72
N TRP A 17 29.83 9.21 12.93
CA TRP A 17 30.07 8.32 14.09
C TRP A 17 29.28 6.99 14.00
N ALA A 18 28.03 7.06 13.51
CA ALA A 18 27.21 5.84 13.31
C ALA A 18 27.87 4.86 12.36
N LYS A 19 28.52 5.41 11.34
CA LYS A 19 29.27 4.58 10.40
C LYS A 19 30.61 4.07 10.97
N LEU A 20 31.38 4.98 11.55
CA LEU A 20 32.70 4.63 12.12
C LEU A 20 32.54 3.54 13.19
N TYR A 21 31.49 3.64 14.00
CA TYR A 21 31.31 2.75 15.15
C TYR A 21 30.18 1.76 14.91
N ALA A 22 29.90 1.51 13.64
CA ALA A 22 28.75 0.67 13.22
C ALA A 22 28.71 -0.71 13.90
N ASN A 23 29.87 -1.24 14.25
CA ASN A 23 29.95 -2.61 14.80
C ASN A 23 29.71 -2.70 16.31
N GLN A 24 29.50 -1.55 16.95
CA GLN A 24 29.16 -1.52 18.36
C GLN A 24 27.64 -1.59 18.58
N SER A 25 27.20 -2.31 19.59
CA SER A 25 25.76 -2.34 19.94
C SER A 25 25.36 -0.97 20.47
N PRO A 26 24.05 -0.65 20.48
CA PRO A 26 23.67 0.65 21.06
C PRO A 26 24.12 0.83 22.53
N ASP A 27 24.12 -0.25 23.31
CA ASP A 27 24.58 -0.11 24.70
C ASP A 27 26.07 0.15 24.75
N ARG A 28 26.81 -0.49 23.85
CA ARG A 28 28.27 -0.26 23.81
C ARG A 28 28.57 1.18 23.40
N ILE A 29 27.83 1.70 22.42
CA ILE A 29 27.97 3.12 22.05
C ILE A 29 27.88 3.99 23.30
N LEU A 30 26.86 3.71 24.11
CA LEU A 30 26.53 4.49 25.27
C LEU A 30 27.58 4.44 26.38
N LEU A 31 28.03 3.24 26.75
N LEU A 31 27.91 3.21 26.79
CA LEU A 31 28.94 3.11 27.87
CA LEU A 31 28.55 2.95 28.07
C LEU A 31 30.31 2.60 27.42
C LEU A 31 30.06 2.88 27.93
N GLY A 32 30.57 2.66 26.13
N GLY A 32 30.52 2.49 26.75
CA GLY A 32 31.80 2.09 25.58
CA GLY A 32 31.94 2.24 26.54
C GLY A 32 32.81 3.01 24.91
C GLY A 32 32.81 3.48 26.35
N SER A 33 33.79 2.39 24.28
N SER A 33 33.75 3.32 25.42
CA SER A 33 34.97 3.08 23.76
CA SER A 33 34.91 4.17 25.13
C SER A 33 34.86 3.68 22.37
C SER A 33 34.70 5.38 24.22
N ASN A 34 34.76 5.01 22.37
N ASN A 34 35.08 5.16 22.95
CA ASN A 34 34.74 5.78 21.17
CA ASN A 34 34.76 5.90 21.70
C ASN A 34 34.92 7.26 21.53
C ASN A 34 34.97 7.43 21.68
N ASP A 35 35.04 8.04 20.49
CA ASP A 35 35.27 9.51 20.50
C ASP A 35 33.99 10.33 20.41
N ILE A 36 32.86 9.70 20.68
CA ILE A 36 31.59 10.41 20.64
C ILE A 36 31.37 11.19 21.93
N PRO A 37 31.15 12.51 21.84
CA PRO A 37 30.90 13.25 23.06
C PRO A 37 29.65 12.69 23.73
N PRO A 38 29.59 12.76 25.07
CA PRO A 38 28.48 12.17 25.84
C PRO A 38 27.11 12.59 25.31
N GLU A 39 26.95 13.88 24.99
CA GLU A 39 25.65 14.41 24.58
C GLU A 39 25.14 13.88 23.22
N TYR A 40 26.01 13.25 22.42
CA TYR A 40 25.63 12.69 21.12
C TYR A 40 25.52 11.17 21.08
N ARG A 41 25.88 10.49 22.17
CA ARG A 41 25.87 9.02 22.14
C ARG A 41 24.48 8.40 21.92
N ALA A 42 23.46 8.94 22.59
CA ALA A 42 22.08 8.47 22.35
C ALA A 42 21.68 8.59 20.86
N ALA A 43 21.98 9.74 20.25
CA ALA A 43 21.64 9.97 18.85
C ALA A 43 22.36 8.93 17.96
N VAL A 44 23.66 8.71 18.21
CA VAL A 44 24.39 7.70 17.44
C VAL A 44 23.83 6.28 17.69
N ALA A 45 23.62 5.93 18.97
CA ALA A 45 23.02 4.64 19.32
C ALA A 45 21.68 4.46 18.62
N THR A 46 20.88 5.52 18.60
CA THR A 46 19.57 5.47 17.96
C THR A 46 19.67 5.12 16.48
N GLN A 47 20.61 5.76 15.76
CA GLN A 47 20.82 5.47 14.34
C GLN A 47 21.26 4.03 14.11
N ILE A 48 22.21 3.57 14.93
CA ILE A 48 22.65 2.19 14.86
C ILE A 48 21.48 1.22 15.17
N GLU A 49 20.73 1.48 16.26
CA GLU A 49 19.61 0.59 16.67
C GLU A 49 18.63 0.36 15.55
N LEU A 50 18.29 1.41 14.81
CA LEU A 50 17.21 1.30 13.83
C LEU A 50 17.69 0.98 12.42
N TRP A 51 19.00 0.88 12.21
CA TRP A 51 19.50 0.59 10.86
C TRP A 51 19.02 -0.74 10.27
N PRO A 52 19.01 -1.83 11.08
CA PRO A 52 18.46 -3.08 10.53
C PRO A 52 17.01 -2.92 10.04
N ARG A 53 16.18 -2.21 10.81
CA ARG A 53 14.77 -1.98 10.43
C ARG A 53 14.62 -1.04 9.24
N LEU A 54 15.53 -0.06 9.13
CA LEU A 54 15.64 0.75 7.91
C LEU A 54 16.03 -0.09 6.69
N ARG A 55 17.00 -1.00 6.85
CA ARG A 55 17.45 -1.81 5.72
C ARG A 55 16.33 -2.71 5.16
N ASN A 56 15.54 -3.29 6.06
N ASN A 56 15.52 -3.25 6.07
CA ASN A 56 14.42 -4.14 5.68
CA ASN A 56 14.42 -4.15 5.70
C ASN A 56 13.40 -3.35 4.86
C ASN A 56 13.24 -3.45 5.02
N LYS A 57 13.00 -2.19 5.37
CA LYS A 57 11.91 -1.39 4.76
C LYS A 57 12.34 -0.59 3.53
N LEU A 58 13.46 0.12 3.65
CA LEU A 58 13.98 0.97 2.59
C LEU A 58 15.43 0.58 2.37
N PRO A 59 15.67 -0.56 1.66
CA PRO A 59 17.07 -0.98 1.49
C PRO A 59 17.94 0.01 0.68
N GLN A 60 17.33 0.74 -0.26
CA GLN A 60 18.09 1.77 -0.99
C GLN A 60 18.56 2.94 -0.09
N TRP A 61 17.76 3.30 0.91
CA TRP A 61 18.18 4.30 1.90
C TRP A 61 19.30 3.80 2.83
N ALA A 62 19.17 2.56 3.31
CA ALA A 62 20.13 1.98 4.24
C ALA A 62 21.54 1.92 3.64
N GLY A 63 21.62 1.99 2.31
CA GLY A 63 22.91 1.97 1.61
C GLY A 63 23.49 3.36 1.33
N ILE A 64 22.81 4.42 1.75
CA ILE A 64 23.24 5.79 1.47
C ILE A 64 23.88 6.46 2.69
N SER A 65 25.09 6.98 2.45
N SER A 65 25.09 6.96 2.46
CA SER A 65 25.91 7.61 3.47
CA SER A 65 25.99 7.47 3.50
C SER A 65 25.37 8.99 3.87
C SER A 65 25.35 8.27 4.62
N SER A 66 25.31 9.21 5.16
N SER A 66 25.25 9.57 4.43
CA SER A 66 24.93 10.51 5.65
CA SER A 66 24.96 10.48 5.51
C SER A 66 23.43 10.66 5.85
C SER A 66 23.46 10.68 5.73
N LEU A 67 22.65 9.65 5.48
CA LEU A 67 21.19 9.72 5.74
C LEU A 67 20.97 9.63 7.23
N TYR A 68 20.08 10.49 7.73
CA TYR A 68 19.78 10.57 9.13
C TYR A 68 18.28 10.32 9.32
N ILE A 69 17.93 9.33 10.14
CA ILE A 69 16.52 9.00 10.43
C ILE A 69 16.01 9.75 11.66
N PRO A 70 14.98 10.62 11.46
CA PRO A 70 14.66 11.54 12.56
C PRO A 70 14.14 10.80 13.79
N SER A 71 13.39 9.72 13.58
CA SER A 71 12.86 8.90 14.65
C SER A 71 12.42 7.51 14.18
N ARG A 72 12.38 6.56 15.12
CA ARG A 72 11.72 5.26 14.90
C ARG A 72 10.26 5.48 14.52
N LEU A 73 9.60 6.42 15.20
CA LEU A 73 8.22 6.79 14.85
C LEU A 73 8.08 7.15 13.37
N SER A 74 8.88 8.10 12.89
N SER A 74 8.90 8.09 12.90
CA SER A 74 8.82 8.52 11.48
CA SER A 74 8.88 8.53 11.50
C SER A 74 9.14 7.38 10.50
C SER A 74 9.12 7.37 10.53
N LEU A 75 10.03 6.47 10.90
CA LEU A 75 10.36 5.34 10.04
C LEU A 75 9.18 4.34 9.88
N GLU A 76 8.53 4.00 10.99
CA GLU A 76 7.42 3.03 10.89
C GLU A 76 6.17 3.58 10.24
N GLN A 77 6.02 4.90 10.16
CA GLN A 77 4.85 5.52 9.53
C GLN A 77 4.96 5.71 8.01
N SER A 78 6.18 5.62 7.48
CA SER A 78 6.41 6.01 6.09
C SER A 78 5.84 5.02 5.08
N SER A 79 5.61 5.50 3.85
CA SER A 79 5.37 4.61 2.69
C SER A 79 6.50 3.56 2.53
N GLY A 80 6.17 2.44 1.91
CA GLY A 80 7.18 1.48 1.50
C GLY A 80 7.86 1.99 0.24
N ALA A 81 8.86 1.27 -0.23
CA ALA A 81 9.52 1.58 -1.50
C ALA A 81 8.63 1.36 -2.74
N VAL A 82 7.86 0.27 -2.76
N VAL A 82 7.86 0.28 -2.72
CA VAL A 82 7.10 -0.04 -3.98
CA VAL A 82 7.06 -0.13 -3.87
C VAL A 82 5.89 0.85 -4.24
C VAL A 82 5.93 0.85 -4.20
N THR A 83 5.14 1.21 -3.20
CA THR A 83 3.97 2.06 -3.41
C THR A 83 4.38 3.51 -3.66
N SER A 84 5.42 3.96 -2.95
CA SER A 84 5.90 5.32 -3.18
C SER A 84 6.20 5.48 -4.66
N SER A 85 6.92 4.54 -5.27
CA SER A 85 7.24 4.68 -6.71
C SER A 85 6.09 4.57 -7.72
N TYR A 86 5.02 3.83 -7.39
CA TYR A 86 3.82 3.79 -8.23
C TYR A 86 3.21 5.18 -8.40
N LYS A 87 3.25 5.97 -7.33
CA LYS A 87 2.76 7.34 -7.36
C LYS A 87 3.42 8.18 -8.44
N SER A 88 4.66 7.85 -8.81
CA SER A 88 5.35 8.67 -9.81
C SER A 88 4.61 8.67 -11.17
N ARG A 89 3.80 7.63 -11.43
N ARG A 89 3.82 7.63 -11.42
CA ARG A 89 3.01 7.54 -12.65
CA ARG A 89 3.00 7.55 -12.63
C ARG A 89 1.95 8.64 -12.79
C ARG A 89 2.03 8.71 -12.80
N PHE A 90 1.57 9.28 -11.68
CA PHE A 90 0.59 10.40 -11.72
C PHE A 90 1.24 11.74 -12.12
N ILE A 91 2.57 11.79 -12.13
CA ILE A 91 3.28 13.06 -12.24
C ILE A 91 4.00 13.21 -13.58
N ARG A 92 3.56 14.14 -14.41
CA ARG A 92 4.27 14.42 -15.68
C ARG A 92 5.70 14.90 -15.46
N GLU A 93 6.61 14.44 -16.33
CA GLU A 93 8.03 14.79 -16.24
C GLU A 93 8.22 16.31 -16.35
N GLY A 94 9.00 16.90 -15.45
CA GLY A 94 9.35 18.33 -15.48
C GLY A 94 8.33 19.31 -14.90
N THR A 95 7.38 18.81 -14.12
CA THR A 95 6.31 19.64 -13.53
C THR A 95 6.70 20.17 -12.12
N LYS A 96 5.74 20.84 -11.48
CA LYS A 96 5.88 21.40 -10.13
C LYS A 96 4.97 20.65 -9.16
N VAL A 97 5.47 20.33 -7.97
CA VAL A 97 4.68 19.66 -6.95
C VAL A 97 4.78 20.31 -5.55
N VAL A 98 3.71 20.23 -4.78
CA VAL A 98 3.75 20.59 -3.36
C VAL A 98 3.31 19.34 -2.59
N ASP A 99 4.09 18.96 -1.58
CA ASP A 99 3.70 17.91 -0.63
C ASP A 99 3.36 18.57 0.71
N LEU A 100 2.09 18.53 1.07
CA LEU A 100 1.53 19.27 2.21
C LEU A 100 1.81 18.63 3.56
N THR A 101 2.05 17.33 3.56
N THR A 101 2.23 17.36 3.51
CA THR A 101 2.02 16.58 4.81
CA THR A 101 2.53 16.53 4.70
C THR A 101 3.40 16.04 5.17
C THR A 101 3.79 15.65 4.51
N GLY A 102 4.32 16.13 4.22
N GLY A 102 4.96 16.28 4.49
CA GLY A 102 5.71 15.78 4.42
CA GLY A 102 6.19 15.66 4.02
C GLY A 102 6.00 14.38 4.93
C GLY A 102 6.75 14.40 4.68
N GLY A 103 6.75 14.34 6.03
CA GLY A 103 7.17 13.11 6.73
C GLY A 103 8.63 12.74 6.42
N LEU A 104 8.91 11.45 6.33
CA LEU A 104 10.29 10.98 6.04
C LEU A 104 10.70 11.42 4.64
N GLY A 105 9.70 11.66 3.79
CA GLY A 105 9.94 12.27 2.47
C GLY A 105 10.03 11.27 1.32
N ILE A 106 9.71 10.02 1.56
N ILE A 106 9.72 10.02 1.60
CA ILE A 106 9.82 9.04 0.48
CA ILE A 106 9.72 8.98 0.59
C ILE A 106 8.77 9.22 -0.62
C ILE A 106 8.80 9.31 -0.58
N ASP A 107 7.57 9.68 -0.26
CA ASP A 107 6.58 10.04 -1.27
C ASP A 107 7.06 11.28 -2.05
N PHE A 108 7.58 12.29 -1.34
CA PHE A 108 8.05 13.50 -2.00
C PHE A 108 9.15 13.14 -2.98
N ILE A 109 10.07 12.28 -2.56
CA ILE A 109 11.18 11.83 -3.43
C ILE A 109 10.62 11.12 -4.69
N ALA A 110 9.58 10.30 -4.51
CA ALA A 110 8.97 9.59 -5.64
C ALA A 110 8.34 10.59 -6.61
N LEU A 111 7.70 11.63 -6.08
CA LEU A 111 7.15 12.70 -6.93
C LEU A 111 8.25 13.45 -7.69
N SER A 113 11.08 12.25 -8.64
CA SER A 113 11.68 11.43 -9.71
C SER A 113 11.19 11.91 -11.06
N LYS A 114 10.08 12.64 -11.06
CA LYS A 114 9.47 13.13 -12.30
C LYS A 114 9.46 14.67 -12.37
N ALA A 115 9.00 15.30 -11.29
CA ALA A 115 8.86 16.75 -11.22
C ALA A 115 10.24 17.41 -11.17
N SER A 116 10.31 18.65 -11.66
CA SER A 116 11.58 19.40 -11.63
C SER A 116 11.67 20.34 -10.43
N GLN A 117 10.51 20.75 -9.91
CA GLN A 117 10.49 21.67 -8.79
C GLN A 117 9.47 21.20 -7.76
N GLY A 118 9.82 21.30 -6.48
CA GLY A 118 8.90 20.88 -5.42
C GLY A 118 9.02 21.68 -4.13
N ILE A 119 7.91 21.78 -3.43
CA ILE A 119 7.87 22.30 -2.07
C ILE A 119 7.40 21.19 -1.15
N TYR A 120 8.18 20.93 -0.11
CA TYR A 120 7.88 19.92 0.88
C TYR A 120 7.54 20.72 2.12
N ILE A 121 6.47 20.35 2.80
CA ILE A 121 6.02 21.04 4.02
C ILE A 121 5.75 20.02 5.10
N GLU A 122 6.33 20.20 6.27
CA GLU A 122 6.15 19.25 7.37
C GLU A 122 5.98 19.98 8.69
N ARG A 123 4.87 19.68 9.38
CA ARG A 123 4.51 20.32 10.65
C ARG A 123 5.55 20.19 11.74
N ASN A 124 6.16 19.02 11.83
CA ASN A 124 7.05 18.69 12.93
C ASN A 124 8.49 19.09 12.65
N ASP A 125 8.98 20.08 13.39
CA ASP A 125 10.34 20.61 13.30
C ASP A 125 11.42 19.50 13.20
N GLU A 126 11.45 18.59 14.17
CA GLU A 126 12.41 17.47 14.16
C GLU A 126 12.45 16.66 12.83
N THR A 127 11.28 16.26 12.37
CA THR A 127 11.11 15.54 11.11
C THR A 127 11.58 16.39 9.94
N ALA A 128 11.20 17.67 9.94
CA ALA A 128 11.60 18.58 8.87
C ALA A 128 13.13 18.78 8.79
N VAL A 129 13.79 18.88 9.95
CA VAL A 129 15.24 19.04 10.01
C VAL A 129 15.92 17.86 9.29
N ALA A 130 15.40 16.66 9.54
CA ALA A 130 16.02 15.46 8.94
C ALA A 130 15.82 15.49 7.40
N ALA A 131 14.61 15.88 6.98
CA ALA A 131 14.26 15.94 5.57
C ALA A 131 15.08 16.98 4.84
N ARG A 132 15.32 18.09 5.54
CA ARG A 132 16.13 19.15 5.00
C ARG A 132 17.56 18.62 4.73
N HIS A 133 18.04 17.69 5.55
CA HIS A 133 19.33 17.02 5.33
C HIS A 133 19.27 15.89 4.27
N ASN A 134 18.28 15.02 4.39
CA ASN A 134 18.17 13.79 3.59
C ASN A 134 17.76 14.05 2.16
N ILE A 135 16.77 14.92 1.98
CA ILE A 135 16.20 15.13 0.63
C ILE A 135 17.27 15.45 -0.44
N PRO A 136 18.17 16.42 -0.18
CA PRO A 136 19.21 16.70 -1.19
C PRO A 136 20.17 15.53 -1.47
N LEU A 137 20.33 14.60 -0.54
CA LEU A 137 21.16 13.42 -0.78
C LEU A 137 20.46 12.35 -1.62
N LEU A 138 19.15 12.51 -1.78
CA LEU A 138 18.34 11.50 -2.47
C LEU A 138 17.85 11.93 -3.85
N LEU A 139 17.93 13.22 -4.14
CA LEU A 139 17.42 13.72 -5.41
C LEU A 139 18.46 13.54 -6.51
N ASN A 140 17.99 13.18 -7.71
CA ASN A 140 18.82 13.16 -8.92
C ASN A 140 19.36 14.56 -9.20
N GLU A 141 20.24 14.68 -10.18
CA GLU A 141 20.80 15.99 -10.54
C GLU A 141 19.74 16.88 -11.20
N GLY A 142 19.86 18.19 -10.96
CA GLY A 142 19.03 19.20 -11.63
C GLY A 142 17.65 19.38 -11.06
N LYS A 143 17.49 19.14 -9.76
CA LYS A 143 16.20 19.27 -9.08
C LYS A 143 16.22 20.47 -8.13
N ASP A 144 15.07 21.14 -8.03
CA ASP A 144 14.90 22.37 -7.27
C ASP A 144 13.86 22.16 -6.15
N VAL A 145 14.29 22.16 -4.89
CA VAL A 145 13.33 21.96 -3.79
C VAL A 145 13.35 23.02 -2.67
N ASN A 146 12.23 23.19 -2.00
CA ASN A 146 12.12 24.10 -0.86
C ASN A 146 11.53 23.25 0.26
N ILE A 147 12.26 23.16 1.37
CA ILE A 147 11.90 22.26 2.45
C ILE A 147 11.45 23.12 3.65
N LEU A 148 10.16 23.14 3.91
CA LEU A 148 9.59 24.08 4.88
C LEU A 148 9.06 23.41 6.14
N THR A 149 9.27 24.07 7.28
CA THR A 149 8.72 23.60 8.55
C THR A 149 7.43 24.34 8.86
N GLY A 150 6.42 23.59 9.29
CA GLY A 150 5.19 24.19 9.83
C GLY A 150 3.94 23.63 9.21
N ASP A 151 2.79 24.17 9.57
CA ASP A 151 1.53 23.73 8.97
C ASP A 151 1.33 24.43 7.64
N PHE A 152 0.97 23.68 6.60
CA PHE A 152 0.73 24.26 5.26
C PHE A 152 -0.27 25.42 5.26
N LYS A 153 -1.12 25.47 6.27
CA LYS A 153 -2.13 26.55 6.32
C LYS A 153 -1.47 27.88 6.65
N GLU A 154 -0.19 27.83 7.01
CA GLU A 154 0.56 29.06 7.22
C GLU A 154 1.29 29.47 5.94
N TYR A 155 1.28 28.63 4.91
CA TYR A 155 1.99 28.89 3.66
C TYR A 155 1.08 28.98 2.41
N LEU A 156 -0.20 29.25 2.63
CA LEU A 156 -1.16 29.25 1.51
C LEU A 156 -0.84 30.28 0.41
N PRO A 157 -0.47 31.54 0.79
CA PRO A 157 -0.05 32.45 -0.28
C PRO A 157 1.13 31.95 -1.12
N LEU A 158 2.16 31.37 -0.50
CA LEU A 158 3.31 30.82 -1.24
C LEU A 158 2.88 29.66 -2.15
N ILE A 159 2.05 28.77 -1.63
CA ILE A 159 1.54 27.66 -2.45
C ILE A 159 0.73 28.17 -3.67
N LYS A 160 -0.16 29.13 -3.44
CA LYS A 160 -0.99 29.70 -4.53
C LYS A 160 -0.18 30.40 -5.59
N THR A 161 0.83 31.15 -5.16
CA THR A 161 1.76 31.82 -6.08
C THR A 161 2.57 30.81 -6.91
N PHE A 162 3.03 29.75 -6.25
CA PHE A 162 3.77 28.68 -6.91
C PHE A 162 2.94 28.07 -8.04
N HIS A 163 1.63 27.94 -7.80
CA HIS A 163 0.68 27.34 -8.74
C HIS A 163 1.17 25.98 -9.24
N PRO A 164 1.34 24.98 -8.33
CA PRO A 164 1.91 23.70 -8.74
C PRO A 164 1.00 22.91 -9.68
N ASP A 165 1.60 22.00 -10.44
CA ASP A 165 0.83 21.10 -11.29
C ASP A 165 0.10 20.12 -10.39
N TYR A 166 0.77 19.70 -9.30
CA TYR A 166 0.17 18.77 -8.35
C TYR A 166 0.36 19.13 -6.89
N ILE A 167 -0.70 18.93 -6.12
CA ILE A 167 -0.65 19.04 -4.67
C ILE A 167 -0.93 17.66 -4.09
N TYR A 168 0.04 17.16 -3.32
CA TYR A 168 -0.04 15.83 -2.71
C TYR A 168 -0.30 15.96 -1.20
N VAL A 169 -1.20 15.13 -0.68
CA VAL A 169 -1.53 15.12 0.73
C VAL A 169 -1.72 13.69 1.24
N ASP A 170 -1.17 13.42 2.42
CA ASP A 170 -1.31 12.11 3.08
C ASP A 170 -1.79 12.39 4.50
N PRO A 171 -3.12 12.47 4.69
CA PRO A 171 -3.65 12.91 5.98
C PRO A 171 -3.46 11.88 7.09
N ALA A 172 -3.51 12.34 8.34
CA ALA A 172 -3.46 11.47 9.49
C ALA A 172 -4.88 11.28 10.05
N ARG A 173 -5.04 10.29 10.93
CA ARG A 173 -6.33 9.92 11.50
C ARG A 173 -6.54 10.66 12.82
N ARG A 174 -7.61 11.44 12.92
CA ARG A 174 -7.85 12.25 14.11
C ARG A 174 -8.54 11.47 15.24
N ARG A 180 -13.87 3.21 16.18
CA ARG A 180 -13.54 1.98 15.45
C ARG A 180 -13.24 2.23 13.98
N VAL A 181 -14.22 2.80 13.26
CA VAL A 181 -14.11 3.06 11.82
C VAL A 181 -13.26 4.28 11.44
N TYR A 182 -12.63 4.20 10.27
CA TYR A 182 -11.89 5.33 9.69
C TYR A 182 -12.70 5.94 8.54
N ALA A 183 -13.25 7.13 8.79
CA ALA A 183 -14.07 7.84 7.82
C ALA A 183 -13.34 9.05 7.23
N ILE A 184 -13.75 9.43 6.03
CA ILE A 184 -13.24 10.62 5.34
C ILE A 184 -13.37 11.90 6.17
N ALA A 185 -14.37 11.93 7.06
CA ALA A 185 -14.58 13.06 7.98
C ALA A 185 -13.47 13.17 9.02
N ASP A 186 -12.74 12.07 9.24
CA ASP A 186 -11.70 12.01 10.28
C ASP A 186 -10.32 12.46 9.79
N CYS A 187 -10.20 12.78 8.49
CA CYS A 187 -8.93 13.16 7.89
C CYS A 187 -8.36 14.45 8.45
N GLU A 188 -7.08 14.41 8.81
CA GLU A 188 -6.34 15.58 9.27
C GLU A 188 -5.09 15.76 8.38
N PRO A 189 -5.07 16.79 7.53
CA PRO A 189 -6.03 17.90 7.37
C PRO A 189 -7.34 17.46 6.70
N ASP A 190 -8.41 18.23 6.91
CA ASP A 190 -9.71 17.94 6.32
C ASP A 190 -9.64 18.20 4.81
N LEU A 191 -9.96 17.18 4.02
CA LEU A 191 -9.75 17.22 2.56
C LEU A 191 -10.75 18.09 1.81
N ILE A 192 -11.94 18.26 2.38
CA ILE A 192 -12.98 19.01 1.71
C ILE A 192 -12.68 20.52 1.67
N PRO A 193 -12.40 21.15 2.84
CA PRO A 193 -12.01 22.56 2.75
C PRO A 193 -10.68 22.76 1.99
N LEU A 194 -9.77 21.79 2.11
CA LEU A 194 -8.48 21.85 1.43
C LEU A 194 -8.66 21.95 -0.08
N ALA A 195 -9.52 21.07 -0.62
CA ALA A 195 -9.81 21.02 -2.05
C ALA A 195 -10.52 22.28 -2.53
N THR A 196 -11.50 22.75 -1.75
CA THR A 196 -12.20 23.99 -2.08
C THR A 196 -11.20 25.13 -2.29
N GLU A 197 -10.22 25.21 -1.40
CA GLU A 197 -9.29 26.32 -1.41
C GLU A 197 -8.17 26.15 -2.45
N LEU A 198 -7.71 24.92 -2.66
CA LEU A 198 -6.51 24.68 -3.47
C LEU A 198 -6.70 24.15 -4.89
N LEU A 199 -7.83 23.50 -5.17
CA LEU A 199 -8.09 23.05 -6.55
C LEU A 199 -7.94 24.14 -7.62
N PRO A 200 -8.34 25.40 -7.30
CA PRO A 200 -8.13 26.47 -8.26
C PRO A 200 -6.67 26.85 -8.53
N PHE A 201 -5.73 26.29 -7.78
CA PHE A 201 -4.30 26.69 -7.87
C PHE A 201 -3.37 25.54 -8.18
N CYS A 202 -3.93 24.43 -8.64
CA CYS A 202 -3.15 23.30 -9.13
C CYS A 202 -3.92 22.62 -10.26
N SER A 203 -3.24 21.74 -10.99
CA SER A 203 -3.91 20.93 -11.99
C SER A 203 -4.70 19.81 -11.30
N SER A 204 -4.04 19.05 -10.43
CA SER A 204 -4.71 18.03 -9.62
C SER A 204 -4.23 18.00 -8.18
N ILE A 205 -5.11 17.54 -7.29
CA ILE A 205 -4.70 17.12 -5.96
C ILE A 205 -4.69 15.59 -5.92
N LEU A 206 -3.62 15.03 -5.36
CA LEU A 206 -3.49 13.56 -5.20
C LEU A 206 -3.44 13.30 -3.69
N ALA A 207 -4.43 12.55 -3.19
CA ALA A 207 -4.52 12.25 -1.77
C ALA A 207 -4.29 10.77 -1.55
N LYS A 208 -3.42 10.47 -0.60
CA LYS A 208 -3.17 9.08 -0.22
C LYS A 208 -3.96 8.80 1.02
N LEU A 209 -4.82 7.78 0.95
CA LEU A 209 -5.74 7.47 2.04
C LEU A 209 -5.50 6.10 2.61
N SER A 210 -5.87 5.92 3.89
CA SER A 210 -5.75 4.61 4.54
C SER A 210 -6.54 3.51 3.83
N PRO A 211 -5.99 2.28 3.76
CA PRO A 211 -6.80 1.17 3.25
C PRO A 211 -8.07 0.84 4.09
N ILE A 213 -10.37 3.13 4.87
CA ILE A 213 -11.45 4.02 4.41
C ILE A 213 -12.36 3.31 3.44
N ASP A 214 -13.66 3.54 3.59
CA ASP A 214 -14.65 2.99 2.69
C ASP A 214 -14.57 3.69 1.33
N LEU A 215 -14.50 2.90 0.25
CA LEU A 215 -14.47 3.47 -1.11
C LEU A 215 -15.69 4.30 -1.42
N TRP A 216 -16.87 3.77 -1.09
CA TRP A 216 -18.09 4.47 -1.44
C TRP A 216 -18.22 5.75 -0.61
N ASP A 217 -17.88 5.68 0.68
CA ASP A 217 -17.85 6.87 1.53
C ASP A 217 -16.95 7.94 0.92
N THR A 218 -15.75 7.53 0.49
CA THR A 218 -14.84 8.45 -0.17
C THR A 218 -15.46 9.08 -1.41
N LEU A 219 -16.04 8.26 -2.28
CA LEU A 219 -16.58 8.73 -3.56
C LEU A 219 -17.82 9.62 -3.37
N GLN A 220 -18.58 9.37 -2.29
N GLN A 220 -18.56 9.38 -2.28
CA GLN A 220 -19.73 10.21 -1.96
CA GLN A 220 -19.73 10.18 -1.94
C GLN A 220 -19.33 11.54 -1.31
C GLN A 220 -19.39 11.46 -1.16
N SER A 221 -18.16 11.57 -0.67
CA SER A 221 -17.77 12.73 0.17
C SER A 221 -16.86 13.75 -0.50
N LEU A 222 -16.09 13.31 -1.48
CA LEU A 222 -15.11 14.18 -2.10
C LEU A 222 -15.65 14.70 -3.42
N LEU A 223 -15.46 15.99 -3.67
CA LEU A 223 -15.88 16.57 -4.93
C LEU A 223 -14.72 16.51 -5.93
N HIS A 224 -15.08 16.43 -7.22
CA HIS A 224 -14.15 16.58 -8.34
C HIS A 224 -13.17 15.44 -8.49
N VAL A 225 -13.51 14.28 -7.93
CA VAL A 225 -12.68 13.07 -8.04
C VAL A 225 -12.70 12.59 -9.49
N GLN A 226 -11.51 12.29 -10.02
CA GLN A 226 -11.35 11.82 -11.38
C GLN A 226 -11.03 10.34 -11.50
N GLU A 227 -10.39 9.79 -10.48
CA GLU A 227 -10.00 8.38 -10.44
C GLU A 227 -9.67 7.98 -9.01
N LEU A 228 -9.87 6.71 -8.66
CA LEU A 228 -9.50 6.18 -7.35
C LEU A 228 -8.73 4.88 -7.59
N HIS A 229 -7.56 4.74 -6.99
CA HIS A 229 -6.74 3.56 -7.20
C HIS A 229 -6.65 2.79 -5.89
N VAL A 230 -6.88 1.48 -5.95
CA VAL A 230 -6.71 0.62 -4.77
C VAL A 230 -5.42 -0.12 -4.99
N VAL A 231 -4.41 0.20 -4.17
CA VAL A 231 -3.05 -0.28 -4.49
C VAL A 231 -2.56 -1.33 -3.49
N ALA A 232 -2.35 -2.55 -3.95
CA ALA A 232 -1.77 -3.60 -3.12
C ALA A 232 -0.28 -3.83 -3.48
N ALA A 233 0.49 -4.19 -2.46
CA ALA A 233 1.92 -4.60 -2.56
C ALA A 233 2.19 -5.61 -1.44
N HIS A 234 3.07 -6.56 -1.69
CA HIS A 234 3.44 -7.56 -0.66
C HIS A 234 2.23 -8.40 -0.18
N GLY A 235 1.26 -8.59 -1.07
CA GLY A 235 0.07 -9.36 -0.76
C GLY A 235 -1.07 -8.65 -0.04
N GLU A 236 -0.97 -7.33 0.16
CA GLU A 236 -1.99 -6.64 0.95
C GLU A 236 -2.21 -5.23 0.45
N VAL A 237 -3.41 -4.71 0.71
CA VAL A 237 -3.74 -3.36 0.27
C VAL A 237 -2.93 -2.39 1.14
N LYS A 238 -2.20 -1.49 0.50
CA LYS A 238 -1.31 -0.55 1.19
C LYS A 238 -1.90 0.84 1.26
N GLU A 239 -2.64 1.25 0.22
CA GLU A 239 -3.19 2.59 0.19
C GLU A 239 -4.31 2.72 -0.85
N LEU A 240 -5.13 3.75 -0.68
CA LEU A 240 -5.99 4.18 -1.75
C LEU A 240 -5.42 5.53 -2.23
N LEU A 241 -5.53 5.79 -3.52
CA LEU A 241 -5.06 7.06 -4.03
C LEU A 241 -6.21 7.67 -4.78
N VAL A 242 -6.50 8.93 -4.49
CA VAL A 242 -7.59 9.61 -5.17
C VAL A 242 -7.02 10.83 -5.87
N ARG A 243 -7.39 11.05 -7.12
CA ARG A 243 -7.01 12.29 -7.79
C ARG A 243 -8.22 13.15 -8.03
N SER A 245 -9.58 17.11 -9.56
CA SER A 245 -9.20 18.16 -10.48
C SER A 245 -10.43 18.93 -10.90
N LEU A 246 -10.36 20.26 -10.76
CA LEU A 246 -11.39 21.20 -11.29
C LEU A 246 -11.22 21.36 -12.80
N ASN A 247 -10.10 20.84 -13.28
CA ASN A 247 -9.59 20.95 -14.63
C ASN A 247 -10.43 20.15 -15.61
N GLU A 248 -11.13 19.16 -15.10
CA GLU A 248 -11.85 18.19 -15.92
C GLU A 248 -13.31 18.18 -15.43
N ALA A 249 -14.24 17.73 -16.27
CA ALA A 249 -15.65 17.68 -15.87
C ALA A 249 -15.87 16.82 -14.62
N THR A 250 -16.83 17.24 -13.79
CA THR A 250 -17.29 16.43 -12.65
C THR A 250 -17.84 15.08 -13.15
N ILE A 251 -17.47 14.01 -12.46
CA ILE A 251 -17.95 12.65 -12.78
C ILE A 251 -18.80 12.22 -11.60
N PRO A 252 -20.05 11.77 -11.86
CA PRO A 252 -20.81 11.30 -10.72
C PRO A 252 -20.09 10.10 -10.08
N PRO A 253 -20.30 9.89 -8.76
CA PRO A 253 -19.51 8.93 -7.98
C PRO A 253 -19.56 7.51 -8.56
N GLU A 254 -20.72 7.10 -9.05
CA GLU A 254 -20.88 5.75 -9.58
C GLU A 254 -20.13 5.54 -10.90
N LYS A 255 -19.72 6.64 -11.52
CA LYS A 255 -18.96 6.60 -12.78
C LYS A 255 -17.48 6.88 -12.62
N VAL A 256 -17.03 7.18 -11.40
CA VAL A 256 -15.59 7.36 -11.20
C VAL A 256 -14.82 6.07 -11.48
N PRO A 257 -13.79 6.13 -12.36
CA PRO A 257 -12.95 4.95 -12.62
C PRO A 257 -12.17 4.50 -11.38
N ILE A 258 -12.36 3.25 -11.00
CA ILE A 258 -11.63 2.61 -9.91
C ILE A 258 -10.59 1.67 -10.51
N HIS A 259 -9.34 1.87 -10.10
CA HIS A 259 -8.24 1.02 -10.55
C HIS A 259 -7.81 0.09 -9.42
N ALA A 260 -7.86 -1.22 -9.67
CA ALA A 260 -7.42 -2.19 -8.67
C ALA A 260 -6.14 -2.76 -9.15
N ILE A 261 -5.08 -2.59 -8.36
CA ILE A 261 -3.79 -3.05 -8.85
C ILE A 261 -3.00 -3.77 -7.78
N ASN A 262 -2.35 -4.85 -8.19
CA ASN A 262 -1.56 -5.63 -7.27
C ASN A 262 -0.14 -5.55 -7.76
N LEU A 263 0.68 -4.74 -7.08
CA LEU A 263 2.09 -4.54 -7.52
C LEU A 263 2.95 -5.76 -7.22
N LEU A 264 3.74 -6.19 -8.21
CA LEU A 264 4.55 -7.41 -8.12
C LEU A 264 6.00 -7.22 -8.55
N LEU A 265 6.79 -8.27 -8.35
CA LEU A 265 8.23 -8.25 -8.66
C LEU A 265 8.51 -8.25 -10.17
N GLU A 266 8.35 -7.08 -10.78
CA GLU A 266 8.68 -6.82 -12.19
C GLU A 266 8.30 -5.39 -12.60
N THR A 268 6.27 -3.64 -14.79
CA THR A 268 5.04 -3.58 -15.56
C THR A 268 3.98 -4.59 -15.07
N VAL A 269 2.82 -4.06 -14.66
CA VAL A 269 1.54 -4.80 -14.44
C VAL A 269 0.37 -3.86 -14.83
N ILE A 270 -0.76 -4.48 -15.15
CA ILE A 270 -1.91 -3.84 -15.78
C ILE A 270 -3.06 -3.70 -14.74
N PRO A 271 -3.67 -2.50 -14.58
CA PRO A 271 -4.74 -2.37 -13.58
C PRO A 271 -6.04 -3.03 -14.04
N PHE A 272 -6.86 -3.46 -13.09
CA PHE A 272 -8.26 -3.78 -13.40
C PHE A 272 -9.05 -2.49 -13.20
N ILE A 273 -9.62 -1.94 -14.27
CA ILE A 273 -10.34 -0.67 -14.14
C ILE A 273 -11.83 -0.91 -14.34
N PHE A 274 -12.64 -0.38 -13.43
CA PHE A 274 -14.10 -0.52 -13.54
C PHE A 274 -14.78 0.66 -12.83
N THR A 275 -16.11 0.64 -12.79
CA THR A 275 -16.88 1.66 -12.07
C THR A 275 -17.95 0.99 -11.23
N GLU A 277 -20.98 1.78 -11.09
CA GLU A 277 -22.16 1.67 -11.96
C GLU A 277 -22.12 0.33 -12.70
N GLU A 278 -20.95 0.00 -13.25
CA GLU A 278 -20.78 -1.27 -13.96
C GLU A 278 -21.00 -2.43 -13.01
N GLU A 279 -20.31 -2.42 -11.86
CA GLU A 279 -20.49 -3.48 -10.86
C GLU A 279 -21.95 -3.70 -10.49
N ARG A 280 -22.69 -2.60 -10.30
CA ARG A 280 -24.09 -2.71 -9.87
C ARG A 280 -25.05 -3.17 -10.97
N SER A 281 -24.70 -2.81 -12.21
N SER A 281 -24.75 -2.84 -12.22
CA SER A 281 -25.54 -3.03 -13.40
CA SER A 281 -25.67 -3.14 -13.31
C SER A 281 -25.47 -4.44 -13.98
C SER A 281 -25.54 -4.56 -13.84
N ILE A 282 -24.34 -5.10 -13.79
CA ILE A 282 -24.10 -6.47 -14.20
C ILE A 282 -24.86 -7.47 -13.32
N SER A 283 -25.27 -8.59 -13.91
CA SER A 283 -25.72 -9.72 -13.13
C SER A 283 -25.07 -10.95 -13.71
N ILE A 284 -24.72 -11.87 -12.83
CA ILE A 284 -24.03 -13.08 -13.21
C ILE A 284 -24.74 -14.35 -12.63
N PRO A 285 -24.38 -15.49 -13.26
N PRO A 285 -24.72 -15.54 -13.30
CA PRO A 285 -24.69 -16.84 -12.88
CA PRO A 285 -25.66 -16.57 -12.73
C PRO A 285 -23.91 -17.11 -11.62
C PRO A 285 -25.27 -17.37 -11.42
N TYR A 286 -24.52 -17.85 -10.73
N TYR A 286 -23.97 -17.50 -11.16
CA TYR A 286 -23.80 -18.43 -9.63
CA TYR A 286 -23.42 -18.28 -10.03
C TYR A 286 -23.93 -19.91 -9.81
C TYR A 286 -23.52 -19.78 -10.32
N THR A 287 -22.86 -20.62 -9.51
CA THR A 287 -22.79 -22.03 -9.82
C THR A 287 -22.90 -22.93 -8.59
N ASP A 288 -23.70 -23.99 -8.74
CA ASP A 288 -23.83 -25.00 -7.73
C ASP A 288 -22.68 -25.98 -7.79
N SER A 289 -21.98 -25.96 -8.93
CA SER A 289 -20.96 -26.98 -9.21
C SER A 289 -19.62 -26.35 -9.58
N ILE A 290 -18.55 -27.08 -9.31
CA ILE A 290 -17.20 -26.58 -9.52
C ILE A 290 -16.72 -27.01 -10.89
N ASP A 291 -15.91 -26.18 -11.52
CA ASP A 291 -15.30 -26.52 -12.80
C ASP A 291 -13.80 -26.80 -12.61
N LYS A 292 -13.11 -27.01 -13.73
CA LYS A 292 -11.72 -27.45 -13.72
C LYS A 292 -10.78 -26.44 -13.11
N TYR A 293 -10.97 -25.18 -13.47
CA TYR A 293 -10.11 -24.10 -12.94
C TYR A 293 -10.80 -23.29 -11.84
N VAL A 294 -10.01 -22.95 -10.82
CA VAL A 294 -10.50 -22.16 -9.71
C VAL A 294 -9.65 -20.91 -9.55
N TYR A 295 -10.32 -19.77 -9.36
CA TYR A 295 -9.64 -18.47 -9.35
C TYR A 295 -9.93 -17.68 -8.09
N GLU A 296 -8.84 -17.22 -7.46
CA GLU A 296 -8.99 -16.42 -6.20
C GLU A 296 -8.44 -15.00 -6.43
N PRO A 297 -9.31 -13.98 -6.33
CA PRO A 297 -8.90 -12.60 -6.66
C PRO A 297 -7.96 -12.03 -5.58
N HIS A 298 -7.06 -11.16 -6.01
CA HIS A 298 -6.11 -10.51 -5.07
C HIS A 298 -6.80 -9.48 -4.17
N THR A 299 -6.08 -9.01 -3.17
CA THR A 299 -6.68 -8.18 -2.13
C THR A 299 -7.19 -6.82 -2.62
N ALA A 300 -6.55 -6.29 -3.66
CA ALA A 300 -6.97 -4.98 -4.18
C ALA A 300 -8.32 -5.12 -4.89
N LEU A 301 -8.50 -6.22 -5.63
CA LEU A 301 -9.81 -6.47 -6.25
C LEU A 301 -10.93 -6.59 -5.21
N LEU A 302 -10.65 -7.35 -4.15
CA LEU A 302 -11.59 -7.51 -3.04
C LEU A 302 -11.96 -6.18 -2.38
N LYS A 303 -10.95 -5.36 -2.07
CA LYS A 303 -11.19 -4.07 -1.44
C LYS A 303 -11.97 -3.13 -2.37
N ALA A 304 -11.66 -3.16 -3.67
CA ALA A 304 -12.32 -2.28 -4.67
C ALA A 304 -13.78 -2.66 -4.87
N GLY A 305 -14.08 -3.94 -4.61
CA GLY A 305 -15.42 -4.48 -4.70
C GLY A 305 -15.88 -4.90 -6.09
N ALA A 306 -14.94 -5.29 -6.95
CA ALA A 306 -15.24 -5.73 -8.31
C ALA A 306 -15.69 -7.21 -8.34
N PHE A 307 -16.58 -7.59 -7.43
CA PHE A 307 -16.93 -9.02 -7.23
C PHE A 307 -17.57 -9.64 -8.49
N LYS A 308 -18.57 -8.96 -9.02
CA LYS A 308 -19.27 -9.40 -10.22
C LYS A 308 -18.52 -9.04 -11.48
N THR A 309 -17.93 -7.84 -11.51
CA THR A 309 -17.26 -7.38 -12.72
C THR A 309 -16.13 -8.34 -13.17
N VAL A 310 -15.39 -8.89 -12.23
CA VAL A 310 -14.31 -9.80 -12.61
C VAL A 310 -14.90 -10.99 -13.38
N ALA A 311 -16.02 -11.54 -12.89
CA ALA A 311 -16.61 -12.74 -13.55
C ALA A 311 -17.13 -12.39 -14.96
N TYR A 312 -17.78 -11.24 -15.06
CA TYR A 312 -18.39 -10.78 -16.31
C TYR A 312 -17.30 -10.43 -17.34
N ARG A 313 -16.23 -9.74 -16.89
N ARG A 313 -16.25 -9.69 -16.95
CA ARG A 313 -15.12 -9.30 -17.75
CA ARG A 313 -15.18 -9.32 -17.90
C ARG A 313 -14.32 -10.47 -18.33
C ARG A 313 -14.48 -10.59 -18.46
N LEU A 314 -14.30 -11.57 -17.59
CA LEU A 314 -13.43 -12.68 -17.89
C LEU A 314 -14.15 -13.98 -18.22
N GLY A 315 -15.48 -13.96 -18.22
CA GLY A 315 -16.28 -15.11 -18.62
C GLY A 315 -16.17 -16.27 -17.65
N LEU A 316 -16.22 -15.94 -16.37
CA LEU A 316 -16.04 -16.93 -15.29
C LEU A 316 -17.37 -17.04 -14.53
N ARG A 317 -17.57 -18.13 -13.79
CA ARG A 317 -18.75 -18.30 -12.94
C ARG A 317 -18.31 -18.05 -11.50
N LYS A 318 -19.13 -17.36 -10.72
CA LYS A 318 -18.77 -17.07 -9.33
C LYS A 318 -19.51 -18.09 -8.46
N LEU A 319 -18.91 -18.52 -7.34
CA LEU A 319 -19.51 -19.57 -6.53
C LEU A 319 -20.80 -19.14 -5.81
N HIS A 320 -20.81 -17.92 -5.28
CA HIS A 320 -21.88 -17.44 -4.40
C HIS A 320 -21.62 -15.94 -4.27
N PRO A 321 -22.68 -15.13 -4.04
CA PRO A 321 -22.45 -13.68 -3.85
C PRO A 321 -21.46 -13.34 -2.76
N ASN A 322 -21.44 -14.15 -1.69
CA ASN A 322 -20.46 -13.94 -0.60
C ASN A 322 -19.18 -14.83 -0.66
N SER A 323 -19.09 -15.74 -1.64
CA SER A 323 -17.85 -16.50 -1.87
C SER A 323 -17.05 -15.85 -3.00
N HIS A 324 -15.96 -15.17 -2.66
CA HIS A 324 -15.25 -14.43 -3.67
C HIS A 324 -14.20 -15.34 -4.31
N LEU A 325 -14.72 -16.31 -5.04
CA LEU A 325 -13.97 -17.25 -5.84
C LEU A 325 -14.75 -17.50 -7.12
N TYR A 326 -14.01 -17.88 -8.14
CA TYR A 326 -14.55 -18.09 -9.48
C TYR A 326 -14.12 -19.44 -9.99
N THR A 327 -14.83 -19.91 -11.02
CA THR A 327 -14.48 -21.18 -11.64
C THR A 327 -14.82 -21.16 -13.15
N SER A 328 -14.13 -21.97 -13.93
CA SER A 328 -14.43 -22.09 -15.36
C SER A 328 -13.82 -23.37 -15.89
N GLU A 329 -14.36 -23.86 -17.00
CA GLU A 329 -13.86 -25.06 -17.60
C GLU A 329 -12.61 -24.76 -18.43
N ALA A 330 -12.56 -23.56 -19.01
CA ALA A 330 -11.40 -23.17 -19.81
C ALA A 330 -10.41 -22.33 -19.00
N TYR A 331 -9.14 -22.48 -19.33
CA TYR A 331 -8.07 -21.78 -18.64
C TYR A 331 -8.03 -20.29 -19.01
N GLU A 332 -8.17 -19.45 -18.00
N GLU A 332 -8.15 -19.40 -18.02
CA GLU A 332 -7.91 -18.05 -18.12
CA GLU A 332 -8.08 -17.94 -18.26
C GLU A 332 -6.45 -17.92 -17.71
C GLU A 332 -6.81 -17.32 -17.63
N SER A 333 -5.60 -17.43 -18.62
N SER A 333 -6.26 -16.27 -18.26
CA SER A 333 -4.17 -17.39 -18.36
CA SER A 333 -5.02 -15.66 -17.75
C SER A 333 -3.68 -16.14 -17.64
C SER A 333 -5.12 -14.19 -17.29
N ALA A 334 -4.51 -15.11 -17.56
N ALA A 334 -6.18 -13.49 -17.67
CA ALA A 334 -4.02 -13.85 -17.03
CA ALA A 334 -6.34 -12.11 -17.20
C ALA A 334 -4.80 -13.42 -15.82
C ALA A 334 -6.81 -12.09 -15.78
N PHE A 335 -5.30 -14.39 -15.04
N PHE A 335 -6.90 -13.26 -15.16
CA PHE A 335 -6.18 -14.03 -13.94
CA PHE A 335 -7.42 -13.27 -13.81
C PHE A 335 -5.45 -13.21 -12.88
C PHE A 335 -6.44 -12.65 -12.84
N PRO A 336 -6.09 -12.10 -12.45
N PRO A 336 -6.91 -11.65 -12.13
CA PRO A 336 -5.72 -11.16 -11.37
CA PRO A 336 -5.93 -11.03 -11.24
C PRO A 336 -5.92 -11.74 -9.96
C PRO A 336 -5.95 -11.69 -9.86
N GLY A 337 -5.02 -12.63 -9.62
CA GLY A 337 -5.00 -13.29 -8.33
C GLY A 337 -4.35 -14.62 -8.54
N ARG A 338 -4.84 -15.66 -7.88
CA ARG A 338 -4.21 -16.96 -7.97
C ARG A 338 -5.11 -17.85 -8.80
N THR A 339 -4.51 -18.71 -9.62
CA THR A 339 -5.27 -19.67 -10.40
C THR A 339 -4.87 -21.10 -10.00
N PHE A 340 -5.88 -21.96 -9.86
CA PHE A 340 -5.71 -23.33 -9.40
C PHE A 340 -6.40 -24.30 -10.35
N VAL A 341 -5.92 -25.53 -10.32
CA VAL A 341 -6.62 -26.64 -10.92
C VAL A 341 -7.32 -27.40 -9.83
N LEU A 342 -8.60 -27.66 -10.05
CA LEU A 342 -9.41 -28.40 -9.07
C LEU A 342 -9.00 -29.89 -9.08
N GLU A 343 -8.66 -30.44 -7.92
CA GLU A 343 -8.33 -31.91 -7.82
C GLU A 343 -9.46 -32.71 -7.19
N GLU A 344 -10.00 -32.21 -6.09
CA GLU A 344 -11.16 -32.83 -5.41
C GLU A 344 -12.11 -31.78 -4.85
N ILE A 345 -13.39 -32.14 -4.79
CA ILE A 345 -14.39 -31.34 -4.08
C ILE A 345 -15.08 -32.24 -3.08
N ILE A 346 -15.07 -31.79 -1.82
CA ILE A 346 -15.56 -32.57 -0.68
C ILE A 346 -16.70 -31.85 0.04
N PRO A 347 -17.90 -32.47 0.10
CA PRO A 347 -19.02 -31.84 0.83
C PRO A 347 -18.58 -31.70 2.26
N PHE A 348 -18.76 -30.51 2.84
CA PHE A 348 -18.24 -30.31 4.18
C PHE A 348 -19.22 -30.73 5.27
N SER A 349 -18.70 -31.41 6.28
CA SER A 349 -19.41 -31.54 7.57
C SER A 349 -18.34 -31.74 8.60
N THR A 350 -18.70 -31.55 9.87
CA THR A 350 -17.75 -31.67 10.96
C THR A 350 -17.01 -33.00 10.85
N SER A 351 -17.74 -34.07 10.55
CA SER A 351 -17.12 -35.39 10.48
C SER A 351 -16.01 -35.50 9.41
N VAL A 352 -16.03 -34.68 8.35
CA VAL A 352 -14.95 -34.82 7.35
C VAL A 352 -13.60 -34.30 7.82
N LEU A 353 -13.61 -33.39 8.78
CA LEU A 353 -12.37 -32.76 9.28
C LEU A 353 -11.28 -33.75 9.64
N LYS A 354 -11.60 -34.76 10.46
CA LYS A 354 -10.55 -35.72 10.84
C LYS A 354 -10.18 -36.67 9.69
N GLN A 355 -10.94 -36.62 8.60
CA GLN A 355 -10.60 -37.47 7.46
C GLN A 355 -9.66 -36.79 6.49
N LEU A 356 -9.44 -35.47 6.62
CA LEU A 356 -8.68 -34.77 5.59
C LEU A 356 -7.26 -35.18 5.42
N ARG A 357 -6.62 -35.69 6.47
CA ARG A 357 -5.25 -36.19 6.30
C ARG A 357 -5.21 -37.36 5.33
N LYS A 358 -6.34 -38.00 5.08
CA LYS A 358 -6.36 -39.08 4.09
C LYS A 358 -6.19 -38.56 2.66
N VAL A 359 -6.64 -37.34 2.40
N VAL A 359 -6.66 -37.34 2.39
CA VAL A 359 -6.68 -36.87 1.02
CA VAL A 359 -6.72 -36.83 1.01
C VAL A 359 -5.39 -36.23 0.52
C VAL A 359 -5.51 -36.04 0.51
N VAL A 360 -4.64 -35.61 1.44
CA VAL A 360 -3.41 -34.93 1.07
C VAL A 360 -2.42 -34.97 2.24
N PRO A 361 -1.10 -35.11 1.95
CA PRO A 361 -0.19 -35.23 3.10
C PRO A 361 0.03 -33.94 3.89
N GLN A 362 -0.14 -32.79 3.22
CA GLN A 362 0.08 -31.48 3.82
C GLN A 362 -0.52 -30.44 2.84
N ALA A 363 -0.84 -29.25 3.33
CA ALA A 363 -1.45 -28.22 2.48
C ALA A 363 -1.46 -26.85 3.10
N SER A 364 -1.49 -25.82 2.26
CA SER A 364 -1.88 -24.48 2.66
C SER A 364 -3.40 -24.52 2.80
N ILE A 365 -3.94 -23.69 3.68
CA ILE A 365 -5.41 -23.64 3.87
C ILE A 365 -5.91 -22.21 3.71
N SER A 366 -6.98 -22.08 2.92
CA SER A 366 -7.64 -20.79 2.72
C SER A 366 -9.14 -20.97 2.93
N CYS A 367 -9.82 -19.87 3.22
CA CYS A 367 -11.28 -19.88 3.33
C CYS A 367 -11.88 -18.66 2.64
N ARG A 368 -12.97 -18.88 1.91
CA ARG A 368 -13.75 -17.81 1.28
C ARG A 368 -15.21 -18.14 1.46
N ASN A 369 -15.78 -17.60 2.53
CA ASN A 369 -17.17 -17.85 2.94
C ASN A 369 -17.33 -19.28 3.49
N PHE A 370 -16.99 -19.44 4.76
CA PHE A 370 -16.86 -20.76 5.36
C PHE A 370 -16.99 -20.59 6.89
N PRO A 371 -17.58 -21.58 7.58
CA PRO A 371 -17.88 -21.33 9.02
C PRO A 371 -16.64 -21.43 9.94
N LEU A 372 -15.54 -21.97 9.42
CA LEU A 372 -14.30 -22.05 10.22
C LEU A 372 -13.27 -21.09 9.64
N SER A 373 -12.34 -20.60 10.46
CA SER A 373 -11.21 -19.85 9.94
C SER A 373 -10.18 -20.86 9.42
N PRO A 374 -9.20 -20.39 8.62
CA PRO A 374 -8.18 -21.33 8.18
C PRO A 374 -7.44 -22.02 9.33
N ILE A 375 -7.13 -21.29 10.40
CA ILE A 375 -6.41 -21.91 11.50
C ILE A 375 -7.27 -22.96 12.23
N GLU A 376 -8.56 -22.69 12.35
CA GLU A 376 -9.48 -23.68 12.91
C GLU A 376 -9.58 -24.93 12.03
N LEU A 377 -9.72 -24.72 10.72
CA LEU A 377 -9.68 -25.84 9.76
C LEU A 377 -8.39 -26.65 9.91
N ARG A 378 -7.24 -25.97 10.00
CA ARG A 378 -5.99 -26.65 10.21
C ARG A 378 -5.94 -27.48 11.48
N GLN A 379 -6.29 -26.86 12.60
CA GLN A 379 -6.14 -27.56 13.87
C GLN A 379 -7.11 -28.72 14.04
N ARG A 380 -8.31 -28.54 13.54
CA ARG A 380 -9.33 -29.58 13.68
C ARG A 380 -9.09 -30.75 12.74
N SER A 381 -8.44 -30.51 11.61
CA SER A 381 -8.06 -31.61 10.69
C SER A 381 -6.67 -32.20 10.97
N LYS A 382 -5.87 -31.54 11.81
CA LYS A 382 -4.47 -31.91 12.07
C LYS A 382 -3.61 -31.90 10.81
N ALA A 384 -0.85 -30.97 8.27
CA ALA A 384 0.48 -30.36 8.23
C ALA A 384 0.49 -29.22 7.21
N ASP A 385 1.25 -28.17 7.48
N ASP A 385 1.24 -28.16 7.48
CA ASP A 385 1.42 -27.11 6.51
CA ASP A 385 1.41 -27.06 6.51
C ASP A 385 2.52 -27.47 5.53
C ASP A 385 2.48 -27.48 5.52
N GLY A 386 2.66 -26.64 4.50
CA GLY A 386 3.67 -26.87 3.48
C GLY A 386 3.08 -27.60 2.29
N GLY A 387 3.97 -27.86 1.34
CA GLY A 387 3.62 -28.51 0.10
C GLY A 387 3.06 -27.53 -0.91
N GLU A 388 2.59 -28.08 -2.02
CA GLU A 388 2.17 -27.26 -3.15
C GLU A 388 0.65 -27.17 -3.29
N LYS A 389 -0.08 -27.93 -2.49
CA LYS A 389 -1.54 -27.98 -2.61
C LYS A 389 -2.20 -27.01 -1.64
N THR A 390 -3.45 -26.67 -1.92
CA THR A 390 -4.25 -25.82 -1.06
C THR A 390 -5.60 -26.48 -0.79
N LEU A 391 -6.03 -26.46 0.49
CA LEU A 391 -7.41 -26.85 0.83
C LEU A 391 -8.17 -25.55 1.02
N GLY A 393 -11.83 -23.74 1.92
CA GLY A 393 -13.21 -23.89 2.41
C GLY A 393 -14.06 -22.78 1.79
N THR A 394 -15.21 -23.13 1.24
CA THR A 394 -16.06 -22.15 0.57
C THR A 394 -17.49 -22.66 0.52
N THR A 395 -18.36 -21.86 -0.12
CA THR A 395 -19.79 -22.12 -0.21
C THR A 395 -20.23 -21.97 -1.65
N ALA A 397 -23.35 -21.98 -4.75
CA ALA A 397 -24.45 -21.04 -4.94
C ALA A 397 -25.71 -21.42 -4.17
N ASP A 398 -25.90 -22.74 -3.96
CA ASP A 398 -27.07 -23.23 -3.20
C ASP A 398 -26.87 -23.29 -1.69
N GLY A 399 -25.76 -22.74 -1.22
CA GLY A 399 -25.44 -22.65 0.20
C GLY A 399 -24.66 -23.84 0.74
N LYS A 400 -24.36 -24.84 -0.09
CA LYS A 400 -23.63 -26.02 0.40
C LYS A 400 -22.16 -25.67 0.66
N LYS A 401 -21.69 -26.02 1.85
CA LYS A 401 -20.33 -25.78 2.21
C LYS A 401 -19.50 -26.93 1.69
N VAL A 402 -18.33 -26.59 1.16
CA VAL A 402 -17.45 -27.59 0.55
C VAL A 402 -16.01 -27.28 0.90
N LEU A 403 -15.17 -28.30 0.76
CA LEU A 403 -13.71 -28.13 0.76
C LEU A 403 -13.21 -28.47 -0.63
N LEU A 404 -12.36 -27.60 -1.15
CA LEU A 404 -11.71 -27.89 -2.45
C LEU A 404 -10.25 -28.20 -2.21
N LEU A 405 -9.80 -29.28 -2.84
CA LEU A 405 -8.37 -29.61 -2.92
C LEU A 405 -7.86 -29.08 -4.26
N LEU A 406 -6.90 -28.16 -4.18
CA LEU A 406 -6.43 -27.37 -5.33
C LEU A 406 -4.93 -27.53 -5.50
N ARG A 407 -4.43 -27.52 -6.73
CA ARG A 407 -3.01 -27.28 -6.99
C ARG A 407 -2.85 -26.01 -7.84
N LYS A 408 -1.70 -25.35 -7.77
CA LYS A 408 -1.43 -24.18 -8.63
C LYS A 408 -1.57 -24.50 -10.12
N ALA A 409 -2.09 -23.56 -10.88
CA ALA A 409 -2.26 -23.76 -12.30
C ALA A 409 -0.93 -23.67 -13.09
N GLU A 410 0.09 -22.96 -12.58
CA GLU A 410 1.41 -22.97 -13.27
C GLU A 410 2.65 -23.21 -12.37
#